data_1JAK
#
_entry.id   1JAK
#
_cell.length_a   132.767
_cell.length_b   132.767
_cell.length_c   177.024
_cell.angle_alpha   90.00
_cell.angle_beta   90.00
_cell.angle_gamma   120.00
#
_symmetry.space_group_name_H-M   'P 61 2 2'
#
loop_
_entity.id
_entity.type
_entity.pdbx_description
1 polymer Beta-N-acetylhexosaminidase
2 non-polymer 'SULFATE ION'
3 non-polymer 'CHLORIDE ION'
4 non-polymer (2R,3R,4S,5R)-2-ACETAMIDO-3,4-DIHYDROXY-5-HYDROXYMETHYL-PIPERIDINE
5 non-polymer GLYCEROL
6 water water
#
_entity_poly.entity_id   1
_entity_poly.type   'polypeptide(L)'
_entity_poly.pdbx_seq_one_letter_code
;MHHHHHHHTGAAPDRKAPVRPTPLDRVIPAPASVDPGGAPYRITRGTHIRVDDSREARRVGDYLADLLRPATGYRLPVTA
HGHGGIRLRLAGGPYGDEGYRLDSGPAGVTITARKAAGLFHGVQTLRQLLPPAVEKDSAQPGPWLVAGGTIEDTPRYAWR
SAMLDVSRHFFGVDEVKRYIDRVARYKYNKLHLHLSDDQGWRIAIDSWPRLATYGGSTEVGGGPGGYYTKAEYKEIVRYA
ASRHLEVVPEIDMPGHTNAALASYAELNCDGVAPPLYTGTKVGFSSLCVDKDVTYDFVDDVIGELAALTPGRYLHIGGDE
AHSTPKADFVAFMKRVQPIVAKYGKTVVGWHQLAGAEPVEGALVQYWGLDRTGDAEKAEVAEAARNGTGLILSPADRTYL
DMKYTKDTPLGLSWAGYVEVQRSYDWDPAGYLPGAPADAVRGVEAPLWTETLSDPDQLDYMAFPRLPGVAELGWSPASTH
DWDTYKVRLAAQAPYWEAAGIDFYRSPQVPWT
;
_entity_poly.pdbx_strand_id   A
#
loop_
_chem_comp.id
_chem_comp.type
_chem_comp.name
_chem_comp.formula
CL non-polymer 'CHLORIDE ION' 'Cl -1'
GOL non-polymer GLYCEROL 'C3 H8 O3'
IFG non-polymer (2R,3R,4S,5R)-2-ACETAMIDO-3,4-DIHYDROXY-5-HYDROXYMETHYL-PIPERIDINE 'C8 H16 N2 O4'
SO4 non-polymer 'SULFATE ION' 'O4 S -2'
#
# COMPACT_ATOMS: atom_id res chain seq x y z
N ASP A 14 -31.64 -7.24 6.57
CA ASP A 14 -30.69 -7.26 7.72
C ASP A 14 -29.23 -7.15 7.23
N ARG A 15 -29.03 -6.32 6.22
CA ARG A 15 -27.71 -6.09 5.63
C ARG A 15 -26.70 -5.58 6.64
N LYS A 16 -27.13 -4.62 7.46
CA LYS A 16 -26.27 -3.99 8.47
C LYS A 16 -26.01 -4.87 9.70
N ALA A 17 -27.02 -5.62 10.12
CA ALA A 17 -26.88 -6.48 11.28
C ALA A 17 -27.57 -7.81 11.01
N PRO A 18 -26.91 -8.69 10.23
CA PRO A 18 -27.43 -10.02 9.87
C PRO A 18 -27.88 -10.85 11.06
N VAL A 19 -28.89 -11.68 10.83
CA VAL A 19 -29.43 -12.55 11.87
C VAL A 19 -28.36 -13.59 12.25
N ARG A 20 -27.69 -14.12 11.23
CA ARG A 20 -26.65 -15.12 11.43
C ARG A 20 -25.28 -14.56 11.05
N PRO A 21 -24.20 -15.17 11.56
CA PRO A 21 -22.85 -14.69 11.24
C PRO A 21 -22.47 -14.93 9.78
N THR A 22 -21.64 -14.05 9.24
CA THR A 22 -21.20 -14.20 7.86
C THR A 22 -20.30 -15.44 7.82
N PRO A 23 -20.29 -16.15 6.68
CA PRO A 23 -19.48 -17.36 6.54
C PRO A 23 -18.01 -17.13 6.90
N LEU A 24 -17.40 -18.13 7.54
CA LEU A 24 -16.01 -18.02 7.97
C LEU A 24 -15.03 -17.77 6.83
N ASP A 25 -15.38 -18.17 5.61
CA ASP A 25 -14.50 -17.99 4.47
C ASP A 25 -14.74 -16.68 3.72
N ARG A 26 -15.78 -15.94 4.11
CA ARG A 26 -16.11 -14.71 3.41
C ARG A 26 -15.27 -13.51 3.85
N VAL A 27 -13.98 -13.56 3.54
CA VAL A 27 -13.07 -12.49 3.88
C VAL A 27 -12.07 -12.26 2.74
N ILE A 28 -11.50 -11.05 2.70
CA ILE A 28 -10.53 -10.71 1.68
C ILE A 28 -9.31 -10.13 2.39
N PRO A 29 -8.10 -10.65 2.10
CA PRO A 29 -7.78 -11.73 1.16
C PRO A 29 -8.33 -13.09 1.57
N ALA A 30 -8.54 -13.97 0.61
CA ALA A 30 -9.03 -15.31 0.91
C ALA A 30 -7.97 -15.96 1.81
N PRO A 31 -8.38 -16.55 2.95
CA PRO A 31 -7.37 -17.18 3.81
C PRO A 31 -6.85 -18.47 3.19
N ALA A 32 -5.62 -18.83 3.53
CA ALA A 32 -4.99 -20.04 3.00
C ALA A 32 -5.79 -21.30 3.35
N SER A 33 -6.37 -21.33 4.54
CA SER A 33 -7.15 -22.48 4.98
C SER A 33 -8.32 -22.05 5.86
N VAL A 34 -9.52 -22.52 5.51
CA VAL A 34 -10.72 -22.19 6.27
C VAL A 34 -11.46 -23.49 6.59
N ASP A 35 -11.67 -23.75 7.88
CA ASP A 35 -12.35 -24.95 8.32
C ASP A 35 -13.50 -24.60 9.25
N PRO A 36 -14.68 -24.28 8.68
CA PRO A 36 -15.84 -23.91 9.48
C PRO A 36 -16.42 -25.10 10.26
N GLY A 37 -17.00 -24.80 11.42
CA GLY A 37 -17.57 -25.85 12.23
C GLY A 37 -18.01 -25.38 13.60
N GLY A 38 -19.04 -26.03 14.13
CA GLY A 38 -19.53 -25.67 15.45
C GLY A 38 -20.29 -24.37 15.52
N ALA A 39 -20.58 -23.93 16.75
CA ALA A 39 -21.31 -22.70 16.99
C ALA A 39 -20.35 -21.51 16.95
N PRO A 40 -20.88 -20.31 16.69
CA PRO A 40 -20.04 -19.11 16.64
C PRO A 40 -19.74 -18.56 18.02
N TYR A 41 -18.90 -17.53 18.05
CA TYR A 41 -18.59 -16.86 19.29
C TYR A 41 -19.42 -15.59 19.24
N ARG A 42 -19.80 -15.08 20.40
CA ARG A 42 -20.58 -13.86 20.44
C ARG A 42 -19.94 -12.93 21.46
N ILE A 43 -19.51 -11.76 21.00
CA ILE A 43 -18.91 -10.80 21.91
C ILE A 43 -20.04 -10.18 22.73
N THR A 44 -19.90 -10.17 24.05
CA THR A 44 -20.91 -9.58 24.91
C THR A 44 -20.26 -8.47 25.74
N ARG A 45 -21.08 -7.67 26.42
CA ARG A 45 -20.61 -6.53 27.20
C ARG A 45 -19.41 -6.77 28.10
N GLY A 46 -19.30 -7.97 28.69
CA GLY A 46 -18.19 -8.23 29.59
C GLY A 46 -16.96 -8.87 28.98
N THR A 47 -16.90 -8.95 27.66
CA THR A 47 -15.76 -9.57 27.01
C THR A 47 -14.45 -8.82 27.26
N HIS A 48 -13.43 -9.58 27.65
CA HIS A 48 -12.09 -9.03 27.89
C HIS A 48 -11.19 -9.47 26.75
N ILE A 49 -10.16 -8.67 26.47
CA ILE A 49 -9.19 -9.01 25.44
C ILE A 49 -7.93 -9.39 26.20
N ARG A 50 -7.61 -10.69 26.19
CA ARG A 50 -6.45 -11.21 26.89
C ARG A 50 -5.25 -11.24 25.95
N VAL A 51 -4.15 -10.65 26.39
CA VAL A 51 -2.92 -10.61 25.61
C VAL A 51 -1.75 -11.08 26.45
N ASP A 52 -0.61 -11.33 25.80
CA ASP A 52 0.57 -11.77 26.54
C ASP A 52 1.13 -10.57 27.29
N ASP A 53 1.91 -10.84 28.32
CA ASP A 53 2.50 -9.78 29.13
C ASP A 53 3.69 -9.16 28.40
N SER A 54 3.43 -8.51 27.28
CA SER A 54 4.47 -7.86 26.49
C SER A 54 3.91 -6.60 25.84
N ARG A 55 4.80 -5.64 25.58
CA ARG A 55 4.42 -4.38 24.95
C ARG A 55 3.75 -4.59 23.60
N GLU A 56 4.40 -5.38 22.76
CA GLU A 56 3.89 -5.64 21.41
C GLU A 56 2.53 -6.33 21.43
N ALA A 57 2.31 -7.22 22.40
CA ALA A 57 1.04 -7.92 22.51
C ALA A 57 -0.06 -6.95 22.90
N ARG A 58 0.17 -6.19 23.97
CA ARG A 58 -0.81 -5.22 24.45
C ARG A 58 -1.13 -4.20 23.36
N ARG A 59 -0.13 -3.89 22.55
CA ARG A 59 -0.30 -2.92 21.47
C ARG A 59 -1.36 -3.38 20.48
N VAL A 60 -1.33 -4.66 20.12
CA VAL A 60 -2.31 -5.20 19.19
C VAL A 60 -3.66 -5.28 19.88
N GLY A 61 -3.63 -5.59 21.18
CA GLY A 61 -4.86 -5.68 21.94
C GLY A 61 -5.55 -4.33 22.00
N ASP A 62 -4.78 -3.28 22.28
CA ASP A 62 -5.36 -1.94 22.35
C ASP A 62 -5.90 -1.53 20.99
N TYR A 63 -5.20 -1.93 19.93
CA TYR A 63 -5.63 -1.61 18.57
C TYR A 63 -7.00 -2.22 18.30
N LEU A 64 -7.16 -3.48 18.69
CA LEU A 64 -8.43 -4.18 18.51
C LEU A 64 -9.54 -3.54 19.33
N ALA A 65 -9.26 -3.27 20.60
CA ALA A 65 -10.25 -2.66 21.48
C ALA A 65 -10.74 -1.35 20.88
N ASP A 66 -9.80 -0.53 20.39
CA ASP A 66 -10.16 0.74 19.78
C ASP A 66 -11.07 0.57 18.57
N LEU A 67 -10.87 -0.50 17.81
CA LEU A 67 -11.71 -0.76 16.64
C LEU A 67 -13.13 -1.17 17.02
N LEU A 68 -13.25 -1.89 18.14
CA LEU A 68 -14.55 -2.40 18.55
C LEU A 68 -15.37 -1.56 19.53
N ARG A 69 -14.71 -0.78 20.38
CA ARG A 69 -15.42 0.01 21.38
C ARG A 69 -16.54 0.93 20.90
N PRO A 70 -16.32 1.71 19.82
CA PRO A 70 -17.38 2.61 19.34
C PRO A 70 -18.71 1.93 18.97
N ALA A 71 -18.64 0.93 18.10
CA ALA A 71 -19.85 0.23 17.65
C ALA A 71 -20.47 -0.68 18.71
N THR A 72 -19.65 -1.30 19.56
CA THR A 72 -20.18 -2.18 20.59
C THR A 72 -20.58 -1.38 21.82
N GLY A 73 -19.81 -0.35 22.12
CA GLY A 73 -20.06 0.47 23.29
C GLY A 73 -19.49 -0.22 24.53
N TYR A 74 -18.91 -1.40 24.32
CA TYR A 74 -18.32 -2.20 25.40
C TYR A 74 -16.99 -1.65 25.90
N ARG A 75 -16.68 -1.95 27.16
CA ARG A 75 -15.43 -1.52 27.77
C ARG A 75 -14.23 -2.18 27.08
N LEU A 76 -14.33 -3.49 26.89
CA LEU A 76 -13.28 -4.27 26.24
C LEU A 76 -11.89 -4.00 26.80
N PRO A 77 -11.70 -4.28 28.09
CA PRO A 77 -10.38 -4.04 28.71
C PRO A 77 -9.33 -4.98 28.14
N VAL A 78 -8.10 -4.50 28.03
CA VAL A 78 -6.99 -5.30 27.53
C VAL A 78 -6.15 -5.67 28.75
N THR A 79 -6.03 -6.97 29.00
CA THR A 79 -5.30 -7.46 30.16
C THR A 79 -4.38 -8.64 29.86
N ALA A 80 -3.36 -8.81 30.70
CA ALA A 80 -2.41 -9.89 30.54
C ALA A 80 -2.67 -10.98 31.57
N HIS A 81 -3.89 -11.02 32.10
CA HIS A 81 -4.27 -12.03 33.09
C HIS A 81 -5.72 -12.47 32.87
N GLY A 82 -6.04 -13.67 33.32
CA GLY A 82 -7.39 -14.18 33.16
C GLY A 82 -7.59 -14.93 31.85
N HIS A 83 -8.83 -15.37 31.60
CA HIS A 83 -9.15 -16.10 30.38
C HIS A 83 -10.15 -15.33 29.53
N GLY A 84 -9.71 -14.23 28.95
CA GLY A 84 -10.58 -13.40 28.12
C GLY A 84 -11.28 -14.09 26.96
N GLY A 85 -12.45 -13.55 26.60
CA GLY A 85 -13.23 -14.09 25.50
C GLY A 85 -12.49 -13.99 24.17
N ILE A 86 -11.64 -12.97 24.05
CA ILE A 86 -10.84 -12.78 22.84
C ILE A 86 -9.41 -12.84 23.31
N ARG A 87 -8.65 -13.81 22.82
CA ARG A 87 -7.27 -13.97 23.24
C ARG A 87 -6.30 -13.84 22.08
N LEU A 88 -5.26 -13.02 22.30
CA LEU A 88 -4.22 -12.81 21.30
C LEU A 88 -2.98 -13.42 21.94
N ARG A 89 -2.45 -14.47 21.33
CA ARG A 89 -1.28 -15.12 21.90
C ARG A 89 -0.14 -15.37 20.93
N LEU A 90 1.08 -15.13 21.43
CA LEU A 90 2.29 -15.34 20.64
C LEU A 90 2.85 -16.70 21.04
N ALA A 91 3.03 -17.58 20.06
CA ALA A 91 3.55 -18.90 20.33
C ALA A 91 4.17 -19.49 19.07
N GLY A 92 4.87 -20.60 19.23
CA GLY A 92 5.47 -21.26 18.08
C GLY A 92 4.37 -21.79 17.19
N GLY A 93 4.69 -21.99 15.92
CA GLY A 93 3.70 -22.50 14.99
C GLY A 93 4.15 -22.26 13.56
N PRO A 94 3.50 -22.91 12.58
CA PRO A 94 3.86 -22.75 11.17
C PRO A 94 3.16 -21.53 10.55
N TYR A 95 3.38 -20.35 11.13
CA TYR A 95 2.72 -19.15 10.63
C TYR A 95 3.68 -18.07 10.14
N GLY A 96 4.98 -18.34 10.21
CA GLY A 96 5.94 -17.36 9.75
C GLY A 96 5.90 -16.03 10.48
N ASP A 97 6.44 -15.00 9.84
CA ASP A 97 6.47 -13.67 10.45
C ASP A 97 5.15 -12.92 10.33
N GLU A 98 4.29 -13.34 9.40
CA GLU A 98 3.02 -12.64 9.19
C GLU A 98 1.74 -13.44 9.29
N GLY A 99 1.86 -14.76 9.45
CA GLY A 99 0.69 -15.61 9.52
C GLY A 99 0.07 -15.73 10.90
N TYR A 100 -1.04 -16.45 10.98
CA TYR A 100 -1.75 -16.63 12.24
C TYR A 100 -2.78 -17.75 12.11
N ARG A 101 -3.34 -18.13 13.25
CA ARG A 101 -4.41 -19.12 13.28
C ARG A 101 -5.51 -18.41 14.06
N LEU A 102 -6.76 -18.58 13.62
CA LEU A 102 -7.88 -17.98 14.31
C LEU A 102 -8.90 -19.05 14.63
N ASP A 103 -9.13 -19.28 15.91
CA ASP A 103 -10.10 -20.28 16.36
C ASP A 103 -11.31 -19.55 16.93
N SER A 104 -12.50 -19.98 16.55
CA SER A 104 -13.73 -19.35 17.02
C SER A 104 -14.78 -20.36 17.47
N GLY A 105 -15.40 -20.06 18.60
CA GLY A 105 -16.44 -20.93 19.14
C GLY A 105 -17.01 -20.34 20.41
N PRO A 106 -17.99 -21.03 21.04
CA PRO A 106 -18.59 -20.53 22.28
C PRO A 106 -17.58 -20.22 23.37
N ALA A 107 -16.44 -20.92 23.35
CA ALA A 107 -15.40 -20.74 24.35
C ALA A 107 -14.60 -19.46 24.12
N GLY A 108 -14.83 -18.81 22.98
CA GLY A 108 -14.13 -17.58 22.67
C GLY A 108 -13.39 -17.59 21.34
N VAL A 109 -12.73 -16.49 21.04
CA VAL A 109 -11.96 -16.37 19.81
C VAL A 109 -10.50 -16.25 20.20
N THR A 110 -9.66 -17.09 19.60
CA THR A 110 -8.23 -17.06 19.89
C THR A 110 -7.44 -16.88 18.60
N ILE A 111 -6.59 -15.86 18.60
CA ILE A 111 -5.73 -15.59 17.46
C ILE A 111 -4.31 -15.90 17.92
N THR A 112 -3.68 -16.86 17.26
CA THR A 112 -2.33 -17.26 17.62
C THR A 112 -1.36 -16.96 16.48
N ALA A 113 -0.18 -16.46 16.82
CA ALA A 113 0.84 -16.14 15.82
C ALA A 113 2.22 -16.14 16.44
N ARG A 114 3.25 -16.10 15.60
CA ARG A 114 4.62 -16.08 16.09
C ARG A 114 5.03 -14.65 16.41
N LYS A 115 4.52 -13.70 15.64
CA LYS A 115 4.85 -12.30 15.85
C LYS A 115 3.62 -11.39 15.86
N ALA A 116 3.80 -10.17 16.38
CA ALA A 116 2.73 -9.20 16.46
C ALA A 116 2.06 -8.92 15.12
N ALA A 117 2.84 -8.93 14.05
CA ALA A 117 2.28 -8.68 12.72
C ALA A 117 1.24 -9.74 12.41
N GLY A 118 1.47 -10.97 12.88
CA GLY A 118 0.53 -12.04 12.64
C GLY A 118 -0.77 -11.82 13.40
N LEU A 119 -0.64 -11.39 14.65
CA LEU A 119 -1.82 -11.11 15.47
C LEU A 119 -2.61 -9.99 14.79
N PHE A 120 -1.89 -8.99 14.31
CA PHE A 120 -2.51 -7.84 13.65
C PHE A 120 -3.30 -8.29 12.42
N HIS A 121 -2.71 -9.18 11.63
CA HIS A 121 -3.40 -9.68 10.45
C HIS A 121 -4.62 -10.50 10.86
N GLY A 122 -4.50 -11.22 11.98
CA GLY A 122 -5.64 -12.01 12.45
C GLY A 122 -6.79 -11.07 12.80
N VAL A 123 -6.44 -9.91 13.34
CA VAL A 123 -7.44 -8.92 13.70
C VAL A 123 -8.15 -8.41 12.46
N GLN A 124 -7.41 -8.22 11.36
CA GLN A 124 -8.02 -7.75 10.13
C GLN A 124 -9.05 -8.76 9.62
N THR A 125 -8.81 -10.03 9.89
CA THR A 125 -9.75 -11.06 9.48
C THR A 125 -10.96 -11.02 10.40
N LEU A 126 -10.70 -10.88 11.70
CA LEU A 126 -11.78 -10.82 12.68
C LEU A 126 -12.78 -9.70 12.41
N ARG A 127 -12.30 -8.53 12.01
CA ARG A 127 -13.20 -7.42 11.75
C ARG A 127 -14.10 -7.67 10.55
N GLN A 128 -13.74 -8.64 9.70
CA GLN A 128 -14.56 -8.97 8.55
C GLN A 128 -15.55 -10.07 8.90
N LEU A 129 -15.24 -10.85 9.93
CA LEU A 129 -16.13 -11.92 10.38
C LEU A 129 -17.29 -11.29 11.16
N LEU A 130 -17.00 -10.18 11.84
CA LEU A 130 -18.03 -9.47 12.58
C LEU A 130 -18.93 -8.78 11.56
N PRO A 131 -20.15 -8.39 11.96
CA PRO A 131 -21.12 -7.72 11.07
C PRO A 131 -20.76 -6.29 10.70
N PRO A 132 -21.34 -5.77 9.60
CA PRO A 132 -21.09 -4.40 9.11
C PRO A 132 -21.28 -3.34 10.18
N ALA A 133 -22.17 -3.60 11.13
CA ALA A 133 -22.44 -2.65 12.21
C ALA A 133 -21.17 -2.30 13.00
N VAL A 134 -20.17 -3.16 12.92
CA VAL A 134 -18.92 -2.93 13.64
C VAL A 134 -18.21 -1.66 13.17
N GLU A 135 -18.59 -1.17 11.99
CA GLU A 135 -18.00 0.04 11.42
C GLU A 135 -18.59 1.34 11.95
N LYS A 136 -19.73 1.26 12.63
CA LYS A 136 -20.40 2.44 13.16
C LYS A 136 -19.66 3.09 14.34
N ASP A 137 -19.93 4.38 14.56
CA ASP A 137 -19.30 5.12 15.65
C ASP A 137 -20.13 5.17 16.92
N SER A 138 -21.38 4.72 16.85
CA SER A 138 -22.25 4.71 18.02
C SER A 138 -22.65 3.28 18.34
N ALA A 139 -22.95 3.02 19.61
CA ALA A 139 -23.33 1.69 20.04
C ALA A 139 -24.45 1.10 19.19
N GLN A 140 -24.24 -0.13 18.73
CA GLN A 140 -25.22 -0.83 17.92
C GLN A 140 -25.64 -2.09 18.66
N PRO A 141 -26.83 -2.61 18.36
CA PRO A 141 -27.35 -3.82 19.01
C PRO A 141 -26.59 -5.09 18.67
N GLY A 142 -25.85 -5.07 17.57
CA GLY A 142 -25.13 -6.26 17.15
C GLY A 142 -26.11 -7.10 16.35
N PRO A 143 -26.12 -8.43 16.51
CA PRO A 143 -25.29 -9.26 17.37
C PRO A 143 -23.84 -9.29 16.90
N TRP A 144 -22.90 -9.38 17.85
CA TRP A 144 -21.48 -9.43 17.51
C TRP A 144 -21.03 -10.87 17.36
N LEU A 145 -21.51 -11.51 16.29
CA LEU A 145 -21.22 -12.90 16.02
C LEU A 145 -19.98 -13.13 15.16
N VAL A 146 -19.26 -14.21 15.46
CA VAL A 146 -18.07 -14.61 14.74
C VAL A 146 -18.22 -16.09 14.41
N ALA A 147 -18.38 -16.39 13.12
CA ALA A 147 -18.55 -17.77 12.68
C ALA A 147 -17.60 -18.74 13.38
N GLY A 148 -18.10 -19.93 13.70
CA GLY A 148 -17.27 -20.91 14.38
C GLY A 148 -16.37 -21.69 13.45
N GLY A 149 -15.21 -22.09 13.96
CA GLY A 149 -14.27 -22.85 13.14
C GLY A 149 -12.84 -22.40 13.29
N THR A 150 -12.00 -22.83 12.37
CA THR A 150 -10.58 -22.48 12.41
C THR A 150 -10.07 -21.98 11.08
N ILE A 151 -9.26 -20.92 11.14
CA ILE A 151 -8.64 -20.34 9.96
C ILE A 151 -7.14 -20.38 10.20
N GLU A 152 -6.38 -20.90 9.24
CA GLU A 152 -4.93 -20.94 9.33
C GLU A 152 -4.53 -20.15 8.10
N ASP A 153 -3.80 -19.08 8.31
CA ASP A 153 -3.46 -18.16 7.22
C ASP A 153 -2.02 -17.67 7.17
N THR A 154 -1.41 -17.73 5.99
CA THR A 154 -0.05 -17.25 5.78
C THR A 154 -0.02 -16.59 4.40
N PRO A 155 0.87 -15.61 4.19
CA PRO A 155 0.98 -14.90 2.90
C PRO A 155 1.79 -15.59 1.80
N ARG A 156 1.35 -15.39 0.56
CA ARG A 156 2.02 -15.95 -0.61
C ARG A 156 3.27 -15.15 -0.94
N TYR A 157 3.15 -13.81 -0.91
CA TYR A 157 4.24 -12.90 -1.22
C TYR A 157 4.56 -11.98 -0.04
N ALA A 158 5.83 -11.60 0.09
CA ALA A 158 6.26 -10.73 1.17
C ALA A 158 6.14 -9.25 0.82
N TRP A 159 6.03 -8.93 -0.46
CA TRP A 159 5.87 -7.55 -0.88
C TRP A 159 4.43 -7.32 -1.30
N ARG A 160 3.64 -6.72 -0.40
CA ARG A 160 2.23 -6.43 -0.65
C ARG A 160 2.09 -4.96 -0.31
N SER A 161 2.22 -4.10 -1.32
CA SER A 161 2.19 -2.67 -1.05
C SER A 161 1.13 -1.84 -1.76
N ALA A 162 0.95 -0.64 -1.21
CA ALA A 162 0.02 0.34 -1.76
C ALA A 162 0.81 1.63 -1.82
N MET A 163 0.69 2.36 -2.92
CA MET A 163 1.40 3.62 -3.05
C MET A 163 0.43 4.79 -3.06
N LEU A 164 0.83 5.89 -2.43
CA LEU A 164 0.00 7.09 -2.46
C LEU A 164 0.88 8.20 -3.02
N ASP A 165 0.37 8.88 -4.03
CA ASP A 165 1.05 9.99 -4.68
C ASP A 165 0.64 11.26 -3.91
N VAL A 166 1.58 11.85 -3.18
CA VAL A 166 1.28 13.07 -2.44
C VAL A 166 1.94 14.27 -3.11
N SER A 167 2.45 14.04 -4.32
CA SER A 167 3.13 15.08 -5.10
C SER A 167 2.18 15.84 -6.02
N ARG A 168 1.34 15.12 -6.75
CA ARG A 168 0.39 15.77 -7.67
C ARG A 168 -0.60 16.60 -6.87
N HIS A 169 -1.14 16.03 -5.81
CA HIS A 169 -1.99 16.77 -4.88
C HIS A 169 -1.46 16.36 -3.52
N PHE A 170 -1.20 17.33 -2.66
CA PHE A 170 -0.68 17.03 -1.34
C PHE A 170 -1.77 16.57 -0.38
N PHE A 171 -1.43 15.61 0.46
CA PHE A 171 -2.33 15.10 1.48
C PHE A 171 -1.54 15.15 2.78
N GLY A 172 -2.12 15.81 3.78
CA GLY A 172 -1.45 15.95 5.07
C GLY A 172 -1.35 14.68 5.87
N VAL A 173 -0.64 14.76 6.99
CA VAL A 173 -0.44 13.60 7.86
C VAL A 173 -1.75 12.88 8.18
N ASP A 174 -2.76 13.61 8.63
CA ASP A 174 -4.02 12.97 8.98
C ASP A 174 -4.70 12.27 7.80
N GLU A 175 -4.56 12.84 6.60
CA GLU A 175 -5.17 12.23 5.43
C GLU A 175 -4.38 10.97 5.05
N VAL A 176 -3.07 11.01 5.27
CA VAL A 176 -2.26 9.84 4.98
C VAL A 176 -2.57 8.74 6.00
N LYS A 177 -2.79 9.13 7.25
CA LYS A 177 -3.13 8.17 8.30
C LYS A 177 -4.44 7.49 7.92
N ARG A 178 -5.37 8.27 7.37
CA ARG A 178 -6.65 7.75 6.94
C ARG A 178 -6.44 6.70 5.83
N TYR A 179 -5.59 7.01 4.87
CA TYR A 179 -5.35 6.06 3.78
C TYR A 179 -4.64 4.81 4.33
N ILE A 180 -3.76 5.02 5.30
CA ILE A 180 -3.04 3.91 5.92
C ILE A 180 -4.08 2.95 6.52
N ASP A 181 -5.08 3.52 7.20
CA ASP A 181 -6.10 2.66 7.80
C ASP A 181 -6.92 1.93 6.74
N ARG A 182 -7.12 2.55 5.58
CA ARG A 182 -7.86 1.91 4.50
C ARG A 182 -7.12 0.66 4.04
N VAL A 183 -5.81 0.80 3.83
CA VAL A 183 -5.02 -0.33 3.33
C VAL A 183 -4.74 -1.41 4.37
N ALA A 184 -4.64 -1.03 5.63
CA ALA A 184 -4.37 -1.98 6.70
C ALA A 184 -5.44 -3.08 6.77
N ARG A 185 -6.65 -2.75 6.32
CA ARG A 185 -7.75 -3.70 6.33
C ARG A 185 -7.47 -4.97 5.54
N TYR A 186 -6.64 -4.85 4.51
CA TYR A 186 -6.37 -5.98 3.64
C TYR A 186 -5.00 -6.63 3.71
N LYS A 187 -4.33 -6.43 4.83
CA LYS A 187 -3.03 -7.05 5.09
C LYS A 187 -1.86 -6.59 4.23
N TYR A 188 -1.95 -5.38 3.66
CA TYR A 188 -0.83 -4.84 2.89
C TYR A 188 0.25 -4.67 3.96
N ASN A 189 1.52 -4.78 3.59
CA ASN A 189 2.57 -4.61 4.58
C ASN A 189 3.61 -3.56 4.23
N LYS A 190 3.41 -2.87 3.11
CA LYS A 190 4.33 -1.82 2.71
C LYS A 190 3.55 -0.63 2.18
N LEU A 191 4.01 0.57 2.53
CA LEU A 191 3.38 1.80 2.08
C LEU A 191 4.42 2.60 1.32
N HIS A 192 4.22 2.68 0.01
CA HIS A 192 5.11 3.39 -0.89
C HIS A 192 4.60 4.84 -0.98
N LEU A 193 5.45 5.80 -0.62
CA LEU A 193 5.04 7.20 -0.68
C LEU A 193 5.82 7.90 -1.79
N HIS A 194 5.10 8.46 -2.76
CA HIS A 194 5.72 9.18 -3.88
C HIS A 194 5.85 10.62 -3.37
N LEU A 195 6.99 10.91 -2.76
CA LEU A 195 7.27 12.20 -2.13
C LEU A 195 7.72 13.37 -2.99
N SER A 196 8.03 13.12 -4.26
CA SER A 196 8.46 14.21 -5.12
C SER A 196 8.12 13.95 -6.57
N ASP A 197 7.83 15.02 -7.30
CA ASP A 197 7.52 14.91 -8.71
C ASP A 197 7.60 16.31 -9.31
N ASP A 198 6.97 16.51 -10.46
CA ASP A 198 7.03 17.80 -11.11
C ASP A 198 6.20 18.89 -10.45
N GLN A 199 5.08 18.50 -9.84
CA GLN A 199 4.19 19.46 -9.21
C GLN A 199 4.43 19.72 -7.72
N GLY A 200 5.42 19.05 -7.15
CA GLY A 200 5.69 19.27 -5.74
C GLY A 200 6.78 18.43 -5.12
N TRP A 201 7.45 19.00 -4.12
CA TRP A 201 8.51 18.33 -3.37
C TRP A 201 7.91 18.29 -1.97
N ARG A 202 7.68 17.10 -1.44
CA ARG A 202 6.98 16.97 -0.17
C ARG A 202 7.72 16.59 1.11
N ILE A 203 9.05 16.65 1.12
CA ILE A 203 9.79 16.32 2.33
C ILE A 203 10.87 17.36 2.57
N ALA A 204 10.90 17.93 3.77
CA ALA A 204 11.89 18.95 4.10
C ALA A 204 13.31 18.39 4.13
N ILE A 205 14.20 19.04 3.38
CA ILE A 205 15.60 18.64 3.30
C ILE A 205 16.40 19.84 3.83
N ASP A 206 17.08 19.66 4.97
CA ASP A 206 17.83 20.76 5.58
C ASP A 206 18.91 21.37 4.70
N SER A 207 19.63 20.52 3.97
CA SER A 207 20.71 21.00 3.11
C SER A 207 20.25 21.80 1.90
N TRP A 208 18.99 21.63 1.52
CA TRP A 208 18.40 22.35 0.39
C TRP A 208 17.00 22.80 0.82
N PRO A 209 16.93 23.80 1.72
CA PRO A 209 15.68 24.38 2.27
C PRO A 209 14.60 24.80 1.27
N ARG A 210 14.98 25.27 0.10
CA ARG A 210 14.01 25.72 -0.89
C ARG A 210 13.18 24.61 -1.53
N LEU A 211 13.66 23.37 -1.47
CA LEU A 211 12.92 22.26 -2.05
C LEU A 211 11.53 22.23 -1.45
N ALA A 212 11.44 22.33 -0.12
CA ALA A 212 10.14 22.30 0.54
C ALA A 212 9.42 23.65 0.51
N THR A 213 10.11 24.72 0.90
CA THR A 213 9.49 26.04 0.95
C THR A 213 9.04 26.59 -0.40
N TYR A 214 9.77 26.26 -1.46
CA TYR A 214 9.40 26.72 -2.80
C TYR A 214 8.85 25.56 -3.62
N GLY A 215 9.61 24.48 -3.71
CA GLY A 215 9.19 23.32 -4.48
C GLY A 215 7.89 22.69 -4.00
N GLY A 216 7.56 22.89 -2.73
CA GLY A 216 6.33 22.31 -2.23
C GLY A 216 5.22 23.34 -2.10
N SER A 217 5.45 24.54 -2.62
CA SER A 217 4.47 25.62 -2.51
C SER A 217 3.19 25.52 -3.32
N THR A 218 3.11 24.56 -4.24
CA THR A 218 1.87 24.41 -5.00
C THR A 218 1.65 22.95 -5.38
N GLU A 219 0.70 22.70 -6.28
CA GLU A 219 0.37 21.35 -6.71
C GLU A 219 -0.41 21.44 -8.00
N VAL A 220 -0.88 20.30 -8.49
CA VAL A 220 -1.67 20.28 -9.70
C VAL A 220 -2.85 21.24 -9.52
N GLY A 221 -3.09 22.09 -10.51
CA GLY A 221 -4.19 23.02 -10.44
C GLY A 221 -3.86 24.33 -9.76
N GLY A 222 -2.65 24.44 -9.21
CA GLY A 222 -2.25 25.67 -8.55
C GLY A 222 -2.76 25.80 -7.14
N GLY A 223 -2.51 26.94 -6.52
CA GLY A 223 -2.95 27.15 -5.15
C GLY A 223 -1.96 26.54 -4.19
N PRO A 224 -2.30 26.47 -2.89
CA PRO A 224 -1.43 25.90 -1.86
C PRO A 224 -1.02 24.45 -2.12
N GLY A 225 0.19 24.12 -1.71
CA GLY A 225 0.68 22.75 -1.88
C GLY A 225 0.83 22.14 -0.50
N GLY A 226 2.08 22.05 -0.04
CA GLY A 226 2.36 21.49 1.26
C GLY A 226 3.55 20.55 1.24
N TYR A 227 4.00 20.16 2.42
CA TYR A 227 5.12 19.22 2.53
C TYR A 227 5.19 18.76 3.97
N TYR A 228 5.93 17.68 4.20
CA TYR A 228 6.09 17.17 5.55
C TYR A 228 7.40 17.63 6.15
N THR A 229 7.34 18.07 7.40
CA THR A 229 8.56 18.43 8.10
C THR A 229 9.13 17.06 8.45
N LYS A 230 10.37 17.02 8.91
CA LYS A 230 10.99 15.75 9.30
C LYS A 230 10.12 15.10 10.38
N ALA A 231 9.64 15.92 11.31
CA ALA A 231 8.80 15.42 12.40
C ALA A 231 7.50 14.79 11.89
N GLU A 232 6.85 15.46 10.95
CA GLU A 232 5.61 14.93 10.39
C GLU A 232 5.89 13.62 9.69
N TYR A 233 6.98 13.55 8.94
CA TYR A 233 7.32 12.33 8.24
C TYR A 233 7.56 11.20 9.24
N LYS A 234 8.28 11.51 10.32
CA LYS A 234 8.55 10.50 11.35
C LYS A 234 7.24 9.97 11.92
N GLU A 235 6.25 10.86 12.09
CA GLU A 235 4.96 10.48 12.63
C GLU A 235 4.21 9.57 11.66
N ILE A 236 4.32 9.84 10.36
CA ILE A 236 3.67 8.98 9.37
C ILE A 236 4.31 7.59 9.44
N VAL A 237 5.64 7.55 9.54
CA VAL A 237 6.35 6.27 9.62
C VAL A 237 5.95 5.52 10.89
N ARG A 238 5.82 6.23 12.00
CA ARG A 238 5.44 5.60 13.26
C ARG A 238 4.04 5.04 13.19
N TYR A 239 3.11 5.83 12.65
CA TYR A 239 1.72 5.40 12.52
C TYR A 239 1.64 4.19 11.60
N ALA A 240 2.36 4.25 10.48
CA ALA A 240 2.37 3.15 9.53
C ALA A 240 2.92 1.90 10.21
N ALA A 241 3.98 2.08 11.00
CA ALA A 241 4.59 0.95 11.69
C ALA A 241 3.60 0.30 12.67
N SER A 242 2.77 1.11 13.32
CA SER A 242 1.79 0.57 14.26
C SER A 242 0.71 -0.20 13.51
N ARG A 243 0.63 0.01 12.20
CA ARG A 243 -0.33 -0.68 11.35
C ARG A 243 0.44 -1.72 10.52
N HIS A 244 1.67 -2.00 10.95
CA HIS A 244 2.54 -2.97 10.30
C HIS A 244 2.76 -2.75 8.81
N LEU A 245 3.03 -1.49 8.48
CA LEU A 245 3.32 -1.08 7.12
C LEU A 245 4.72 -0.50 7.13
N GLU A 246 5.61 -1.08 6.33
CA GLU A 246 6.98 -0.59 6.22
C GLU A 246 6.91 0.50 5.16
N VAL A 247 7.34 1.71 5.52
CA VAL A 247 7.28 2.83 4.58
C VAL A 247 8.45 2.81 3.61
N VAL A 248 8.11 2.87 2.33
CA VAL A 248 9.08 2.88 1.23
C VAL A 248 8.96 4.26 0.59
N PRO A 249 9.88 5.18 0.93
CA PRO A 249 9.83 6.52 0.37
C PRO A 249 10.43 6.56 -1.03
N GLU A 250 9.91 7.44 -1.87
CA GLU A 250 10.43 7.59 -3.23
C GLU A 250 10.74 9.04 -3.55
N ILE A 251 11.96 9.26 -4.06
CA ILE A 251 12.39 10.57 -4.54
C ILE A 251 12.73 10.20 -5.98
N ASP A 252 11.84 10.58 -6.90
CA ASP A 252 12.01 10.25 -8.31
C ASP A 252 13.17 10.99 -9.00
N MET A 253 13.97 10.24 -9.74
CA MET A 253 15.11 10.80 -10.46
C MET A 253 15.51 9.87 -11.60
N PRO A 254 16.09 10.42 -12.69
CA PRO A 254 16.39 11.83 -12.95
C PRO A 254 15.20 12.58 -13.53
N GLY A 255 14.15 11.85 -13.88
CA GLY A 255 12.96 12.49 -14.42
C GLY A 255 12.00 12.84 -13.30
N HIS A 256 10.89 13.50 -13.64
CA HIS A 256 9.88 13.89 -12.64
C HIS A 256 10.51 14.69 -11.52
N THR A 257 11.40 15.60 -11.89
CA THR A 257 12.14 16.42 -10.95
C THR A 257 11.90 17.91 -11.04
N ASN A 258 10.83 18.35 -11.70
CA ASN A 258 10.62 19.79 -11.83
C ASN A 258 10.54 20.56 -10.52
N ALA A 259 9.92 19.99 -9.48
CA ALA A 259 9.81 20.71 -8.22
C ALA A 259 11.19 21.09 -7.70
N ALA A 260 12.15 20.18 -7.82
CA ALA A 260 13.51 20.44 -7.37
C ALA A 260 14.19 21.44 -8.31
N LEU A 261 14.03 21.20 -9.61
CA LEU A 261 14.64 22.07 -10.61
C LEU A 261 14.15 23.51 -10.51
N ALA A 262 12.86 23.67 -10.18
CA ALA A 262 12.28 24.99 -10.06
C ALA A 262 12.77 25.72 -8.82
N SER A 263 13.25 24.95 -7.85
CA SER A 263 13.74 25.50 -6.59
C SER A 263 15.19 25.95 -6.62
N TYR A 264 15.99 25.32 -7.48
CA TYR A 264 17.41 25.64 -7.60
C TYR A 264 17.88 25.73 -9.04
N ALA A 265 18.04 26.96 -9.53
CA ALA A 265 18.47 27.19 -10.90
C ALA A 265 19.72 26.38 -11.30
N GLU A 266 20.67 26.27 -10.38
CA GLU A 266 21.92 25.56 -10.64
C GLU A 266 21.78 24.09 -11.08
N LEU A 267 20.68 23.45 -10.71
CA LEU A 267 20.46 22.05 -11.06
C LEU A 267 20.07 21.87 -12.52
N ASN A 268 19.69 22.96 -13.16
CA ASN A 268 19.24 22.92 -14.55
C ASN A 268 20.37 23.01 -15.56
N CYS A 269 20.25 22.23 -16.64
CA CYS A 269 21.29 22.23 -17.66
C CYS A 269 21.60 23.62 -18.21
N ASP A 270 20.59 24.48 -18.31
CA ASP A 270 20.82 25.83 -18.81
C ASP A 270 20.95 26.85 -17.67
N GLY A 271 21.02 26.33 -16.44
CA GLY A 271 21.18 27.20 -15.28
C GLY A 271 20.01 28.11 -14.97
N VAL A 272 18.86 27.81 -15.54
CA VAL A 272 17.65 28.61 -15.31
C VAL A 272 16.59 27.73 -14.68
N ALA A 273 16.00 28.19 -13.57
CA ALA A 273 14.97 27.43 -12.90
C ALA A 273 13.67 27.50 -13.70
N PRO A 274 13.06 26.34 -13.98
CA PRO A 274 11.79 26.34 -14.73
C PRO A 274 10.72 26.83 -13.77
N PRO A 275 9.54 27.20 -14.27
CA PRO A 275 8.51 27.66 -13.35
C PRO A 275 7.98 26.47 -12.56
N LEU A 276 7.26 26.74 -11.48
CA LEU A 276 6.64 25.67 -10.71
C LEU A 276 5.62 25.09 -11.70
N TYR A 277 5.44 23.77 -11.68
CA TYR A 277 4.52 23.13 -12.61
C TYR A 277 3.18 22.73 -11.98
N THR A 278 2.09 23.11 -12.63
CA THR A 278 0.75 22.80 -12.12
C THR A 278 -0.10 22.02 -13.12
N GLY A 279 0.53 21.57 -14.21
CA GLY A 279 -0.20 20.80 -15.21
C GLY A 279 -0.28 19.33 -14.85
N THR A 280 -0.67 18.50 -15.81
CA THR A 280 -0.81 17.06 -15.57
C THR A 280 -0.08 16.18 -16.58
N LYS A 281 0.92 16.73 -17.25
CA LYS A 281 1.69 15.95 -18.21
C LYS A 281 2.91 15.35 -17.51
N VAL A 282 3.62 14.46 -18.19
CA VAL A 282 4.80 13.81 -17.65
C VAL A 282 5.91 13.67 -18.69
N GLY A 283 7.14 13.47 -18.22
CA GLY A 283 8.27 13.23 -19.10
C GLY A 283 9.11 14.38 -19.61
N PHE A 284 8.77 15.61 -19.23
CA PHE A 284 9.46 16.80 -19.71
C PHE A 284 10.62 17.33 -18.86
N SER A 285 10.75 16.82 -17.64
CA SER A 285 11.80 17.29 -16.75
C SER A 285 12.99 16.34 -16.61
N SER A 286 14.16 16.91 -16.30
CA SER A 286 15.35 16.10 -16.13
C SER A 286 16.45 16.80 -15.36
N LEU A 287 17.08 16.06 -14.44
CA LEU A 287 18.20 16.61 -13.70
C LEU A 287 19.28 16.71 -14.78
N CYS A 288 20.29 17.53 -14.57
CA CYS A 288 21.34 17.65 -15.58
C CYS A 288 22.43 16.63 -15.29
N VAL A 289 22.41 15.53 -16.04
CA VAL A 289 23.36 14.44 -15.85
C VAL A 289 24.83 14.85 -15.98
N ASP A 290 25.10 15.84 -16.83
CA ASP A 290 26.48 16.29 -17.05
C ASP A 290 27.01 17.33 -16.06
N LYS A 291 26.28 17.59 -14.98
CA LYS A 291 26.73 18.57 -13.99
C LYS A 291 27.11 17.91 -12.68
N ASP A 292 28.23 18.33 -12.09
CA ASP A 292 28.67 17.75 -10.83
C ASP A 292 27.71 18.03 -9.68
N VAL A 293 27.15 19.24 -9.65
CA VAL A 293 26.24 19.62 -8.57
C VAL A 293 25.06 18.65 -8.46
N THR A 294 24.69 18.04 -9.57
CA THR A 294 23.58 17.09 -9.60
C THR A 294 23.77 15.95 -8.60
N TYR A 295 25.00 15.43 -8.54
CA TYR A 295 25.30 14.32 -7.66
C TYR A 295 25.48 14.73 -6.21
N ASP A 296 25.85 15.98 -5.97
CA ASP A 296 25.98 16.47 -4.59
C ASP A 296 24.55 16.56 -4.06
N PHE A 297 23.65 17.07 -4.91
CA PHE A 297 22.24 17.23 -4.58
C PHE A 297 21.61 15.87 -4.25
N VAL A 298 21.80 14.90 -5.14
CA VAL A 298 21.24 13.57 -4.94
C VAL A 298 21.78 12.92 -3.66
N ASP A 299 23.08 13.05 -3.42
CA ASP A 299 23.67 12.47 -2.23
C ASP A 299 23.07 13.10 -0.97
N ASP A 300 22.95 14.43 -0.96
CA ASP A 300 22.38 15.12 0.19
C ASP A 300 20.94 14.67 0.47
N VAL A 301 20.13 14.60 -0.57
CA VAL A 301 18.74 14.19 -0.42
C VAL A 301 18.58 12.75 0.03
N ILE A 302 19.26 11.83 -0.64
CA ILE A 302 19.17 10.42 -0.27
C ILE A 302 19.69 10.19 1.14
N GLY A 303 20.74 10.91 1.52
CA GLY A 303 21.30 10.76 2.85
C GLY A 303 20.31 11.19 3.92
N GLU A 304 19.67 12.34 3.71
CA GLU A 304 18.71 12.84 4.68
C GLU A 304 17.45 11.97 4.74
N LEU A 305 17.04 11.46 3.59
CA LEU A 305 15.85 10.61 3.55
C LEU A 305 16.13 9.27 4.22
N ALA A 306 17.31 8.71 3.99
CA ALA A 306 17.67 7.43 4.59
C ALA A 306 17.67 7.52 6.11
N ALA A 307 18.10 8.67 6.63
CA ALA A 307 18.15 8.88 8.07
C ALA A 307 16.78 8.84 8.72
N LEU A 308 15.74 9.18 7.95
CA LEU A 308 14.37 9.19 8.45
C LEU A 308 13.64 7.90 8.12
N THR A 309 14.32 6.99 7.44
CA THR A 309 13.71 5.74 7.01
C THR A 309 14.21 4.48 7.72
N PRO A 310 13.44 3.97 8.69
CA PRO A 310 13.85 2.77 9.41
C PRO A 310 13.69 1.52 8.54
N GLY A 311 12.87 1.66 7.49
CA GLY A 311 12.63 0.56 6.57
C GLY A 311 13.87 0.18 5.80
N ARG A 312 13.83 -0.97 5.13
CA ARG A 312 14.97 -1.47 4.36
C ARG A 312 15.17 -0.89 2.98
N TYR A 313 14.11 -0.30 2.44
CA TYR A 313 14.13 0.21 1.06
C TYR A 313 14.09 1.70 0.82
N LEU A 314 14.63 2.11 -0.32
CA LEU A 314 14.63 3.51 -0.74
C LEU A 314 14.39 3.47 -2.25
N HIS A 315 13.27 4.05 -2.67
CA HIS A 315 12.85 4.07 -4.07
C HIS A 315 13.40 5.31 -4.77
N ILE A 316 14.15 5.12 -5.87
CA ILE A 316 14.70 6.26 -6.59
C ILE A 316 13.97 6.53 -7.91
N GLY A 317 12.84 5.87 -8.11
CA GLY A 317 12.05 6.08 -9.31
C GLY A 317 12.73 5.62 -10.60
N GLY A 318 12.90 6.55 -11.54
CA GLY A 318 13.54 6.21 -12.80
C GLY A 318 12.59 6.12 -13.99
N ASP A 319 11.32 6.41 -13.73
CA ASP A 319 10.28 6.34 -14.76
C ASP A 319 10.19 7.60 -15.61
N GLU A 320 9.74 7.41 -16.84
CA GLU A 320 9.50 8.50 -17.76
C GLU A 320 10.55 9.62 -17.80
N ALA A 321 11.81 9.24 -17.85
CA ALA A 321 12.89 10.22 -17.92
C ALA A 321 13.09 10.50 -19.41
N HIS A 322 12.02 10.94 -20.06
CA HIS A 322 12.03 11.19 -21.49
C HIS A 322 12.83 12.39 -21.98
N SER A 323 13.29 13.22 -21.04
CA SER A 323 14.09 14.37 -21.42
C SER A 323 15.55 14.06 -21.07
N THR A 324 15.80 12.80 -20.75
CA THR A 324 17.13 12.31 -20.41
C THR A 324 17.57 11.31 -21.46
N PRO A 325 18.54 11.66 -22.30
CA PRO A 325 19.01 10.73 -23.34
C PRO A 325 19.32 9.37 -22.72
N LYS A 326 18.97 8.30 -23.43
CA LYS A 326 19.20 6.95 -22.93
C LYS A 326 20.57 6.73 -22.31
N ALA A 327 21.63 7.13 -23.01
CA ALA A 327 22.98 6.94 -22.51
C ALA A 327 23.21 7.71 -21.20
N ASP A 328 22.63 8.90 -21.08
CA ASP A 328 22.78 9.68 -19.87
C ASP A 328 21.99 9.03 -18.73
N PHE A 329 20.84 8.46 -19.05
CA PHE A 329 20.03 7.79 -18.05
C PHE A 329 20.84 6.64 -17.45
N VAL A 330 21.46 5.84 -18.30
CA VAL A 330 22.26 4.72 -17.84
C VAL A 330 23.43 5.22 -16.98
N ALA A 331 24.13 6.24 -17.46
CA ALA A 331 25.26 6.80 -16.72
C ALA A 331 24.80 7.31 -15.36
N PHE A 332 23.66 8.01 -15.35
CA PHE A 332 23.10 8.56 -14.12
C PHE A 332 22.81 7.46 -13.10
N MET A 333 22.11 6.42 -13.53
CA MET A 333 21.76 5.33 -12.64
C MET A 333 22.98 4.57 -12.14
N LYS A 334 24.01 4.48 -12.97
CA LYS A 334 25.23 3.78 -12.57
C LYS A 334 25.88 4.55 -11.41
N ARG A 335 25.79 5.87 -11.48
CA ARG A 335 26.38 6.76 -10.48
C ARG A 335 25.56 6.90 -9.20
N VAL A 336 24.24 6.93 -9.32
CA VAL A 336 23.39 7.11 -8.14
C VAL A 336 22.97 5.88 -7.35
N GLN A 337 22.81 4.73 -8.00
CA GLN A 337 22.40 3.54 -7.26
C GLN A 337 23.29 3.26 -6.04
N PRO A 338 24.62 3.36 -6.20
CA PRO A 338 25.51 3.10 -5.07
C PRO A 338 25.27 4.00 -3.86
N ILE A 339 24.72 5.18 -4.10
CA ILE A 339 24.45 6.13 -3.02
C ILE A 339 23.45 5.57 -2.02
N VAL A 340 22.50 4.77 -2.51
CA VAL A 340 21.49 4.16 -1.65
C VAL A 340 22.16 3.18 -0.68
N ALA A 341 23.04 2.34 -1.20
CA ALA A 341 23.76 1.37 -0.38
C ALA A 341 24.69 2.10 0.59
N LYS A 342 25.23 3.22 0.13
CA LYS A 342 26.14 4.03 0.96
C LYS A 342 25.44 4.41 2.26
N TYR A 343 24.15 4.64 2.18
CA TYR A 343 23.37 5.02 3.35
C TYR A 343 22.59 3.85 3.94
N GLY A 344 23.08 2.65 3.68
CA GLY A 344 22.51 1.43 4.23
C GLY A 344 21.14 0.96 3.80
N LYS A 345 20.71 1.29 2.59
CA LYS A 345 19.39 0.86 2.14
C LYS A 345 19.43 0.05 0.85
N THR A 346 18.32 -0.60 0.55
CA THR A 346 18.17 -1.41 -0.65
C THR A 346 17.42 -0.59 -1.68
N VAL A 347 18.02 -0.41 -2.85
CA VAL A 347 17.39 0.40 -3.88
C VAL A 347 16.23 -0.28 -4.60
N VAL A 348 15.22 0.53 -4.90
CA VAL A 348 14.04 0.09 -5.64
C VAL A 348 13.87 1.15 -6.71
N GLY A 349 13.45 0.74 -7.90
CA GLY A 349 13.21 1.69 -8.97
C GLY A 349 12.12 1.17 -9.86
N TRP A 350 11.55 2.03 -10.70
CA TRP A 350 10.52 1.56 -11.63
C TRP A 350 11.28 0.67 -12.61
N HIS A 351 10.57 -0.18 -13.37
CA HIS A 351 11.28 -1.11 -14.23
C HIS A 351 12.20 -0.54 -15.31
N GLN A 352 12.15 0.78 -15.54
CA GLN A 352 13.06 1.38 -16.51
C GLN A 352 14.49 1.17 -16.03
N LEU A 353 14.64 0.95 -14.72
CA LEU A 353 15.97 0.72 -14.14
C LEU A 353 16.58 -0.58 -14.66
N ALA A 354 15.72 -1.50 -15.12
CA ALA A 354 16.19 -2.78 -15.65
C ALA A 354 17.04 -2.56 -16.90
N GLY A 355 16.90 -1.38 -17.50
CA GLY A 355 17.68 -1.07 -18.68
C GLY A 355 18.92 -0.28 -18.32
N ALA A 356 19.19 -0.12 -17.02
CA ALA A 356 20.35 0.63 -16.57
C ALA A 356 21.17 -0.12 -15.52
N GLU A 357 21.32 -1.42 -15.74
CA GLU A 357 22.12 -2.28 -14.86
C GLU A 357 21.83 -2.17 -13.36
N PRO A 358 20.74 -2.81 -12.91
CA PRO A 358 20.37 -2.77 -11.49
C PRO A 358 21.52 -3.34 -10.64
N VAL A 359 21.80 -2.72 -9.51
CA VAL A 359 22.86 -3.20 -8.64
C VAL A 359 22.39 -4.45 -7.90
N GLU A 360 23.31 -5.20 -7.33
CA GLU A 360 22.97 -6.40 -6.59
C GLU A 360 22.00 -6.05 -5.47
N GLY A 361 20.98 -6.89 -5.30
CA GLY A 361 20.00 -6.67 -4.24
C GLY A 361 18.86 -5.74 -4.59
N ALA A 362 18.97 -5.07 -5.73
CA ALA A 362 17.93 -4.13 -6.15
C ALA A 362 16.63 -4.82 -6.54
N LEU A 363 15.54 -4.06 -6.47
CA LEU A 363 14.22 -4.55 -6.87
C LEU A 363 13.72 -3.54 -7.89
N VAL A 364 12.96 -4.00 -8.87
CA VAL A 364 12.38 -3.08 -9.85
C VAL A 364 10.88 -3.26 -9.84
N GLN A 365 10.16 -2.15 -10.00
CA GLN A 365 8.71 -2.17 -10.00
C GLN A 365 8.18 -2.08 -11.42
N TYR A 366 7.61 -3.18 -11.90
CA TYR A 366 7.07 -3.27 -13.25
C TYR A 366 5.67 -2.66 -13.38
N TRP A 367 5.54 -1.62 -14.18
CA TRP A 367 4.26 -0.98 -14.38
C TRP A 367 3.81 -1.06 -15.85
N GLY A 368 4.30 -2.08 -16.55
CA GLY A 368 3.96 -2.29 -17.94
C GLY A 368 2.51 -2.75 -18.10
N LEU A 369 2.12 -3.02 -19.35
CA LEU A 369 0.76 -3.43 -19.66
C LEU A 369 0.75 -4.67 -20.57
N ASP A 370 -0.43 -5.23 -20.81
CA ASP A 370 -0.56 -6.40 -21.68
C ASP A 370 0.08 -6.09 -23.03
N ARG A 371 -0.18 -4.88 -23.52
CA ARG A 371 0.30 -4.43 -24.83
C ARG A 371 1.77 -4.01 -24.92
N THR A 372 2.45 -3.93 -23.79
CA THR A 372 3.85 -3.53 -23.78
C THR A 372 4.66 -4.39 -24.75
N GLY A 373 5.56 -3.76 -25.50
CA GLY A 373 6.38 -4.48 -26.46
C GLY A 373 7.18 -5.59 -25.83
N ASP A 374 7.39 -6.68 -26.57
CA ASP A 374 8.14 -7.82 -26.06
C ASP A 374 9.56 -7.48 -25.64
N ALA A 375 10.19 -6.51 -26.31
CA ALA A 375 11.55 -6.13 -25.98
C ALA A 375 11.62 -5.59 -24.55
N GLU A 376 10.61 -4.80 -24.19
CA GLU A 376 10.56 -4.22 -22.86
C GLU A 376 10.28 -5.28 -21.80
N LYS A 377 9.33 -6.18 -22.09
CA LYS A 377 9.01 -7.25 -21.13
C LYS A 377 10.26 -8.11 -20.94
N ALA A 378 10.96 -8.37 -22.03
CA ALA A 378 12.17 -9.19 -22.00
C ALA A 378 13.26 -8.59 -21.12
N GLU A 379 13.44 -7.28 -21.24
CA GLU A 379 14.46 -6.60 -20.45
C GLU A 379 14.22 -6.80 -18.96
N VAL A 380 12.95 -6.74 -18.56
CA VAL A 380 12.59 -6.92 -17.16
C VAL A 380 12.73 -8.37 -16.74
N ALA A 381 12.30 -9.30 -17.60
CA ALA A 381 12.41 -10.72 -17.30
C ALA A 381 13.89 -11.11 -17.15
N GLU A 382 14.74 -10.46 -17.95
CA GLU A 382 16.17 -10.74 -17.91
C GLU A 382 16.75 -10.26 -16.57
N ALA A 383 16.29 -9.10 -16.11
CA ALA A 383 16.77 -8.58 -14.83
C ALA A 383 16.36 -9.57 -13.73
N ALA A 384 15.17 -10.13 -13.87
CA ALA A 384 14.69 -11.11 -12.89
C ALA A 384 15.61 -12.33 -12.89
N ARG A 385 15.99 -12.77 -14.09
CA ARG A 385 16.88 -13.92 -14.20
C ARG A 385 18.22 -13.60 -13.55
N ASN A 386 18.63 -12.33 -13.61
CA ASN A 386 19.90 -11.92 -13.04
C ASN A 386 19.88 -11.66 -11.53
N GLY A 387 18.73 -11.95 -10.90
CA GLY A 387 18.63 -11.77 -9.47
C GLY A 387 17.88 -10.55 -8.98
N THR A 388 17.41 -9.71 -9.89
CA THR A 388 16.67 -8.52 -9.50
C THR A 388 15.27 -8.92 -9.08
N GLY A 389 14.83 -8.44 -7.92
CA GLY A 389 13.49 -8.76 -7.45
C GLY A 389 12.45 -8.00 -8.24
N LEU A 390 11.30 -8.62 -8.47
CA LEU A 390 10.23 -7.97 -9.23
C LEU A 390 8.99 -7.64 -8.40
N ILE A 391 8.55 -6.39 -8.51
CA ILE A 391 7.34 -5.94 -7.83
C ILE A 391 6.39 -5.68 -8.98
N LEU A 392 5.27 -6.37 -9.01
CA LEU A 392 4.32 -6.21 -10.12
C LEU A 392 3.16 -5.26 -9.83
N SER A 393 3.04 -4.22 -10.66
CA SER A 393 1.97 -3.24 -10.55
C SER A 393 1.65 -2.73 -11.96
N PRO A 394 1.13 -3.62 -12.83
CA PRO A 394 0.78 -3.29 -14.22
C PRO A 394 -0.17 -2.09 -14.28
N ALA A 395 0.14 -1.14 -15.16
CA ALA A 395 -0.69 0.06 -15.29
C ALA A 395 -2.11 -0.24 -15.74
N ASP A 396 -2.32 -1.36 -16.42
CA ASP A 396 -3.65 -1.72 -16.88
C ASP A 396 -4.28 -2.77 -15.97
N ARG A 397 -3.78 -2.84 -14.74
CA ARG A 397 -4.28 -3.80 -13.75
C ARG A 397 -4.44 -3.21 -12.35
N THR A 398 -3.34 -2.71 -11.79
CA THR A 398 -3.38 -2.20 -10.42
C THR A 398 -3.18 -0.70 -10.20
N TYR A 399 -3.20 0.09 -11.27
CA TYR A 399 -3.10 1.53 -11.12
C TYR A 399 -4.50 2.01 -10.75
N LEU A 400 -4.68 2.37 -9.48
CA LEU A 400 -5.99 2.78 -8.98
C LEU A 400 -6.51 4.11 -9.51
N ASP A 401 -5.67 4.87 -10.20
CA ASP A 401 -6.09 6.14 -10.77
C ASP A 401 -6.71 5.94 -12.14
N MET A 402 -6.64 4.72 -12.67
CA MET A 402 -7.19 4.46 -13.99
C MET A 402 -8.71 4.31 -13.95
N LYS A 403 -9.38 4.93 -14.92
CA LYS A 403 -10.84 4.88 -15.00
C LYS A 403 -11.37 3.46 -15.15
N TYR A 404 -12.55 3.22 -14.57
CA TYR A 404 -13.20 1.91 -14.65
C TYR A 404 -13.80 1.76 -16.05
N THR A 405 -14.38 2.85 -16.54
CA THR A 405 -15.00 2.90 -17.86
C THR A 405 -14.84 4.31 -18.40
N LYS A 406 -15.28 4.52 -19.64
CA LYS A 406 -15.18 5.83 -20.25
C LYS A 406 -16.00 6.88 -19.52
N ASP A 407 -16.92 6.45 -18.67
CA ASP A 407 -17.76 7.40 -17.94
C ASP A 407 -17.31 7.73 -16.51
N THR A 408 -16.22 7.13 -16.06
CA THR A 408 -15.72 7.41 -14.71
C THR A 408 -15.39 8.89 -14.65
N PRO A 409 -15.95 9.62 -13.66
CA PRO A 409 -15.76 11.06 -13.45
C PRO A 409 -14.39 11.54 -12.97
N LEU A 410 -13.54 10.61 -12.55
CA LEU A 410 -12.19 10.93 -12.07
C LEU A 410 -11.23 9.96 -12.73
N GLY A 411 -9.93 10.14 -12.48
CA GLY A 411 -8.95 9.23 -13.04
C GLY A 411 -8.48 9.48 -14.47
N LEU A 412 -7.60 8.61 -14.94
CA LEU A 412 -7.02 8.72 -16.28
C LEU A 412 -7.40 7.53 -17.16
N SER A 413 -7.10 7.62 -18.45
CA SER A 413 -7.46 6.56 -19.39
C SER A 413 -6.36 6.16 -20.37
N TRP A 414 -5.15 6.64 -20.17
CA TRP A 414 -4.07 6.32 -21.10
C TRP A 414 -3.73 4.83 -21.17
N ALA A 415 -3.99 4.10 -20.10
CA ALA A 415 -3.72 2.66 -20.06
C ALA A 415 -4.98 1.87 -20.37
N GLY A 416 -5.95 2.54 -20.98
CA GLY A 416 -7.21 1.89 -21.29
C GLY A 416 -8.07 1.93 -20.03
N TYR A 417 -9.16 1.16 -20.02
CA TYR A 417 -10.04 1.12 -18.86
C TYR A 417 -9.76 -0.12 -18.04
N VAL A 418 -9.97 -0.03 -16.74
CA VAL A 418 -9.68 -1.15 -15.87
C VAL A 418 -10.81 -1.42 -14.89
N GLU A 419 -11.71 -2.32 -15.26
CA GLU A 419 -12.82 -2.68 -14.39
C GLU A 419 -12.31 -3.58 -13.27
N VAL A 420 -13.19 -3.91 -12.35
CA VAL A 420 -12.83 -4.73 -11.21
C VAL A 420 -12.28 -6.11 -11.57
N GLN A 421 -12.93 -6.80 -12.52
CA GLN A 421 -12.43 -8.13 -12.88
C GLN A 421 -11.03 -8.08 -13.47
N ARG A 422 -10.78 -7.14 -14.38
CA ARG A 422 -9.46 -7.04 -14.99
C ARG A 422 -8.36 -6.81 -13.94
N SER A 423 -8.66 -5.98 -12.95
CA SER A 423 -7.69 -5.67 -11.91
C SER A 423 -7.33 -6.90 -11.06
N TYR A 424 -8.30 -7.80 -10.88
CA TYR A 424 -8.12 -8.99 -10.06
C TYR A 424 -7.74 -10.27 -10.79
N ASP A 425 -8.29 -10.46 -11.98
CA ASP A 425 -8.11 -11.69 -12.74
C ASP A 425 -6.77 -12.01 -13.42
N TRP A 426 -5.73 -12.19 -12.62
CA TRP A 426 -4.42 -12.56 -13.14
C TRP A 426 -3.59 -13.23 -12.04
N ASP A 427 -2.48 -13.85 -12.44
CA ASP A 427 -1.60 -14.57 -11.52
C ASP A 427 -0.19 -13.99 -11.57
N PRO A 428 0.27 -13.37 -10.47
CA PRO A 428 1.62 -12.79 -10.44
C PRO A 428 2.74 -13.76 -10.86
N ALA A 429 2.58 -15.04 -10.51
CA ALA A 429 3.59 -16.05 -10.81
C ALA A 429 3.81 -16.34 -12.29
N GLY A 430 2.77 -16.20 -13.10
CA GLY A 430 2.92 -16.46 -14.53
C GLY A 430 2.51 -15.27 -15.37
N TYR A 431 2.67 -14.09 -14.80
CA TYR A 431 2.30 -12.85 -15.49
C TYR A 431 3.27 -12.38 -16.57
N LEU A 432 4.52 -12.14 -16.19
CA LEU A 432 5.52 -11.64 -17.14
C LEU A 432 6.18 -12.82 -17.86
N PRO A 433 5.98 -12.91 -19.18
CA PRO A 433 6.57 -13.99 -19.99
C PRO A 433 8.06 -14.18 -19.76
N GLY A 434 8.45 -15.42 -19.49
CA GLY A 434 9.85 -15.74 -19.28
C GLY A 434 10.46 -15.38 -17.94
N ALA A 435 9.70 -14.70 -17.08
CA ALA A 435 10.21 -14.31 -15.78
C ALA A 435 10.10 -15.46 -14.77
N PRO A 436 11.20 -15.79 -14.08
CA PRO A 436 11.20 -16.87 -13.08
C PRO A 436 10.23 -16.50 -11.96
N ALA A 437 9.33 -17.41 -11.62
CA ALA A 437 8.35 -17.17 -10.57
C ALA A 437 8.99 -16.77 -9.24
N ASP A 438 10.15 -17.35 -8.95
CA ASP A 438 10.87 -17.08 -7.72
C ASP A 438 11.42 -15.65 -7.63
N ALA A 439 11.40 -14.93 -8.74
CA ALA A 439 11.91 -13.55 -8.75
C ALA A 439 10.81 -12.55 -8.40
N VAL A 440 9.56 -13.01 -8.44
CA VAL A 440 8.43 -12.13 -8.11
C VAL A 440 8.35 -11.96 -6.59
N ARG A 441 8.60 -10.74 -6.12
CA ARG A 441 8.57 -10.44 -4.70
C ARG A 441 7.15 -10.15 -4.22
N GLY A 442 6.31 -9.68 -5.13
CA GLY A 442 4.94 -9.38 -4.77
C GLY A 442 4.27 -8.40 -5.71
N VAL A 443 3.29 -7.68 -5.18
CA VAL A 443 2.51 -6.74 -5.98
C VAL A 443 2.32 -5.40 -5.28
N GLU A 444 1.87 -4.41 -6.04
CA GLU A 444 1.61 -3.10 -5.49
C GLU A 444 0.46 -2.44 -6.23
N ALA A 445 -0.33 -1.65 -5.51
CA ALA A 445 -1.45 -0.93 -6.09
C ALA A 445 -1.19 0.57 -5.92
N PRO A 446 -0.66 1.22 -6.97
CA PRO A 446 -0.37 2.66 -6.87
C PRO A 446 -1.59 3.53 -7.11
N LEU A 447 -1.72 4.60 -6.34
CA LEU A 447 -2.81 5.55 -6.52
C LEU A 447 -2.20 6.90 -6.83
N TRP A 448 -2.20 7.25 -8.12
CA TRP A 448 -1.65 8.52 -8.59
C TRP A 448 -2.71 9.61 -8.38
N THR A 449 -2.28 10.83 -8.13
CA THR A 449 -3.26 11.87 -7.84
C THR A 449 -3.42 13.09 -8.75
N GLU A 450 -3.09 12.95 -10.03
CA GLU A 450 -3.28 14.07 -10.95
C GLU A 450 -4.72 14.58 -10.89
N THR A 451 -5.66 13.67 -10.71
CA THR A 451 -7.08 14.01 -10.70
C THR A 451 -7.81 13.95 -9.36
N LEU A 452 -7.09 13.61 -8.29
CA LEU A 452 -7.69 13.46 -6.97
C LEU A 452 -7.15 14.47 -5.97
N SER A 453 -8.05 15.26 -5.38
CA SER A 453 -7.66 16.29 -4.44
C SER A 453 -8.21 16.16 -3.02
N ASP A 454 -9.06 15.18 -2.77
CA ASP A 454 -9.57 15.01 -1.41
C ASP A 454 -9.70 13.53 -1.04
N PRO A 455 -9.70 13.22 0.26
CA PRO A 455 -9.81 11.84 0.75
C PRO A 455 -10.96 11.01 0.19
N ASP A 456 -12.11 11.64 -0.04
CA ASP A 456 -13.25 10.91 -0.58
C ASP A 456 -13.00 10.47 -2.01
N GLN A 457 -12.28 11.29 -2.77
CA GLN A 457 -11.97 10.93 -4.16
C GLN A 457 -10.96 9.78 -4.17
N LEU A 458 -10.05 9.79 -3.20
CA LEU A 458 -9.09 8.71 -3.10
C LEU A 458 -9.85 7.40 -2.89
N ASP A 459 -10.84 7.43 -2.00
CA ASP A 459 -11.63 6.22 -1.72
C ASP A 459 -12.36 5.70 -2.96
N TYR A 460 -13.01 6.59 -3.70
CA TYR A 460 -13.77 6.20 -4.88
C TYR A 460 -12.92 5.49 -5.93
N MET A 461 -11.66 5.89 -6.06
CA MET A 461 -10.77 5.27 -7.05
C MET A 461 -10.04 4.07 -6.48
N ALA A 462 -9.83 4.06 -5.16
CA ALA A 462 -9.13 2.95 -4.52
C ALA A 462 -10.05 1.75 -4.33
N PHE A 463 -11.32 2.01 -3.99
CA PHE A 463 -12.30 0.94 -3.78
C PHE A 463 -13.24 0.84 -4.99
N PRO A 464 -13.63 -0.39 -5.37
CA PRO A 464 -13.32 -1.70 -4.80
C PRO A 464 -12.12 -2.51 -5.31
N ARG A 465 -11.21 -1.90 -6.06
CA ARG A 465 -10.06 -2.66 -6.57
C ARG A 465 -8.94 -2.91 -5.55
N LEU A 466 -8.84 -2.06 -4.54
CA LEU A 466 -7.79 -2.20 -3.52
C LEU A 466 -7.73 -3.57 -2.85
N PRO A 467 -8.88 -4.11 -2.41
CA PRO A 467 -8.85 -5.43 -1.75
C PRO A 467 -8.36 -6.54 -2.68
N GLY A 468 -8.69 -6.42 -3.96
CA GLY A 468 -8.28 -7.41 -4.93
C GLY A 468 -6.79 -7.56 -5.10
N VAL A 469 -6.08 -6.42 -5.15
CA VAL A 469 -4.63 -6.48 -5.30
C VAL A 469 -4.01 -7.06 -4.02
N ALA A 470 -4.64 -6.79 -2.88
CA ALA A 470 -4.15 -7.31 -1.62
C ALA A 470 -4.26 -8.84 -1.66
N GLU A 471 -5.35 -9.34 -2.22
CA GLU A 471 -5.56 -10.78 -2.31
C GLU A 471 -4.49 -11.42 -3.20
N LEU A 472 -4.18 -10.77 -4.32
CA LEU A 472 -3.16 -11.30 -5.22
C LEU A 472 -1.82 -11.43 -4.48
N GLY A 473 -1.56 -10.50 -3.57
CA GLY A 473 -0.32 -10.55 -2.84
C GLY A 473 -0.33 -11.54 -1.69
N TRP A 474 -1.50 -11.75 -1.09
CA TRP A 474 -1.61 -12.65 0.06
C TRP A 474 -2.08 -14.09 -0.14
N SER A 475 -3.21 -14.25 -0.82
CA SER A 475 -3.82 -15.56 -1.02
C SER A 475 -3.12 -16.57 -1.91
N PRO A 476 -3.36 -17.87 -1.63
CA PRO A 476 -2.75 -18.93 -2.43
C PRO A 476 -3.34 -18.91 -3.84
N ALA A 477 -2.55 -19.27 -4.84
CA ALA A 477 -3.04 -19.28 -6.20
C ALA A 477 -4.30 -20.15 -6.32
N SER A 478 -4.33 -21.25 -5.55
CA SER A 478 -5.46 -22.16 -5.59
C SER A 478 -6.79 -21.54 -5.20
N THR A 479 -6.76 -20.42 -4.48
CA THR A 479 -8.00 -19.77 -4.05
C THR A 479 -8.47 -18.71 -5.04
N HIS A 480 -7.64 -18.41 -6.02
CA HIS A 480 -7.97 -17.38 -7.01
C HIS A 480 -9.08 -17.83 -7.98
N ASP A 481 -10.16 -17.05 -8.01
CA ASP A 481 -11.30 -17.33 -8.88
C ASP A 481 -12.26 -16.15 -8.84
N TRP A 482 -12.43 -15.49 -9.97
CA TRP A 482 -13.31 -14.32 -10.04
C TRP A 482 -14.76 -14.57 -9.62
N ASP A 483 -15.37 -15.63 -10.15
CA ASP A 483 -16.77 -15.90 -9.81
C ASP A 483 -17.05 -16.01 -8.32
N THR A 484 -16.10 -16.59 -7.57
CA THR A 484 -16.31 -16.71 -6.13
C THR A 484 -15.76 -15.50 -5.39
N TYR A 485 -14.72 -14.88 -5.94
CA TYR A 485 -14.15 -13.69 -5.32
C TYR A 485 -15.16 -12.54 -5.34
N LYS A 486 -15.85 -12.37 -6.45
CA LYS A 486 -16.81 -11.28 -6.56
C LYS A 486 -17.90 -11.34 -5.50
N VAL A 487 -18.17 -12.54 -4.99
CA VAL A 487 -19.18 -12.69 -3.95
C VAL A 487 -18.61 -12.16 -2.63
N ARG A 488 -17.34 -12.44 -2.39
CA ARG A 488 -16.69 -11.97 -1.18
C ARG A 488 -16.50 -10.46 -1.26
N LEU A 489 -16.29 -9.94 -2.46
CA LEU A 489 -16.13 -8.49 -2.63
C LEU A 489 -17.49 -7.82 -2.47
N ALA A 490 -18.52 -8.43 -3.04
CA ALA A 490 -19.88 -7.88 -2.94
C ALA A 490 -20.28 -7.73 -1.48
N ALA A 491 -19.83 -8.65 -0.65
CA ALA A 491 -20.16 -8.64 0.78
C ALA A 491 -19.61 -7.44 1.54
N GLN A 492 -18.63 -6.76 0.95
CA GLN A 492 -18.02 -5.60 1.60
C GLN A 492 -18.91 -4.36 1.57
N ALA A 493 -19.84 -4.30 0.63
CA ALA A 493 -20.72 -3.13 0.48
C ALA A 493 -21.28 -2.54 1.78
N PRO A 494 -21.98 -3.36 2.58
CA PRO A 494 -22.53 -2.82 3.83
C PRO A 494 -21.48 -2.31 4.81
N TYR A 495 -20.30 -2.90 4.78
CA TYR A 495 -19.21 -2.47 5.66
C TYR A 495 -18.72 -1.09 5.23
N TRP A 496 -18.51 -0.92 3.93
CA TRP A 496 -18.03 0.36 3.43
C TRP A 496 -19.06 1.46 3.64
N GLU A 497 -20.33 1.14 3.44
CA GLU A 497 -21.40 2.10 3.65
C GLU A 497 -21.42 2.55 5.10
N ALA A 498 -21.34 1.59 6.01
CA ALA A 498 -21.34 1.89 7.45
C ALA A 498 -20.10 2.67 7.86
N ALA A 499 -18.99 2.42 7.17
CA ALA A 499 -17.73 3.09 7.48
C ALA A 499 -17.55 4.44 6.79
N GLY A 500 -18.46 4.76 5.87
CA GLY A 500 -18.37 6.02 5.15
C GLY A 500 -17.31 5.99 4.07
N ILE A 501 -17.05 4.81 3.54
CA ILE A 501 -16.05 4.65 2.49
C ILE A 501 -16.75 4.61 1.13
N ASP A 502 -16.57 5.66 0.34
CA ASP A 502 -17.20 5.69 -0.97
C ASP A 502 -16.47 4.71 -1.87
N PHE A 503 -17.20 4.08 -2.78
CA PHE A 503 -16.61 3.12 -3.69
C PHE A 503 -17.42 3.03 -4.95
N TYR A 504 -16.78 2.59 -6.03
CA TYR A 504 -17.43 2.44 -7.32
C TYR A 504 -18.26 1.16 -7.31
N ARG A 505 -19.57 1.30 -7.50
CA ARG A 505 -20.47 0.15 -7.52
C ARG A 505 -20.44 -0.52 -8.89
N SER A 506 -19.34 -1.21 -9.16
CA SER A 506 -19.16 -1.89 -10.44
C SER A 506 -20.29 -2.85 -10.78
N PRO A 507 -20.77 -2.80 -12.04
CA PRO A 507 -21.86 -3.69 -12.44
C PRO A 507 -21.41 -5.15 -12.51
N GLN A 508 -20.09 -5.37 -12.44
CA GLN A 508 -19.53 -6.72 -12.49
C GLN A 508 -19.65 -7.44 -11.15
N VAL A 509 -19.96 -6.68 -10.11
CA VAL A 509 -20.07 -7.23 -8.76
C VAL A 509 -21.50 -7.23 -8.24
N PRO A 510 -21.97 -8.38 -7.74
CA PRO A 510 -23.34 -8.52 -7.21
C PRO A 510 -23.46 -8.01 -5.78
N TRP A 511 -23.26 -6.71 -5.61
CA TRP A 511 -23.30 -6.05 -4.30
C TRP A 511 -24.40 -6.47 -3.34
N THR A 512 -23.98 -6.72 -2.09
CA THR A 512 -24.91 -7.14 -1.03
C THR A 512 -25.52 -5.90 -0.38
S SO4 B . 4.42 -19.00 -6.13
O1 SO4 B . 5.65 -18.47 -6.78
O2 SO4 B . 3.42 -19.33 -7.16
O3 SO4 B . 4.75 -20.21 -5.35
O4 SO4 B . 3.87 -17.97 -5.22
CL CL C . 1.27 21.28 -19.55
CL CL D . -10.56 2.64 7.47
CL CL E . 1.90 13.47 -20.86
N1 IFG F . 2.90 7.31 -15.12
C2 IFG F . 3.74 8.06 -14.14
C3 IFG F . 2.99 8.56 -12.84
C4 IFG F . 1.56 9.07 -13.10
C5 IFG F . 0.79 7.99 -13.89
C6 IFG F . -0.66 8.32 -14.19
C7 IFG F . 4.68 5.94 -13.31
C8 IFG F . 5.77 5.01 -12.84
C9 IFG F . 1.47 7.64 -15.22
N2 IFG F . 4.89 7.21 -13.74
O7 IFG F . 3.55 5.48 -13.29
O3 IFG F . 3.75 9.59 -12.23
O4 IFG F . 1.64 10.25 -13.90
O6 IFG F . -1.41 7.13 -14.44
C1 GOL G . 2.65 8.03 -21.45
O1 GOL G . 1.68 9.03 -21.15
C2 GOL G . 3.44 7.67 -20.20
O2 GOL G . 4.42 6.66 -20.47
C3 GOL G . 2.48 7.23 -19.10
O3 GOL G . 2.15 8.34 -18.32
C1 GOL H . 5.29 1.44 -19.19
O1 GOL H . 6.71 1.40 -19.24
C2 GOL H . 4.67 1.98 -20.50
O2 GOL H . 5.61 1.99 -21.59
C3 GOL H . 4.04 3.35 -20.28
O3 GOL H . 3.39 3.81 -21.46
C1 GOL I . -5.72 -3.48 -24.51
O1 GOL I . -4.61 -4.12 -23.91
C2 GOL I . -5.68 -1.97 -24.24
O2 GOL I . -4.55 -1.36 -24.89
C3 GOL I . -5.69 -1.68 -22.74
O3 GOL I . -6.91 -2.10 -22.15
#